data_4CQQ
#
_entry.id   4CQQ
#
_cell.length_a   101.668
_cell.length_b   101.668
_cell.length_c   452.440
_cell.angle_alpha   90.00
_cell.angle_beta   90.00
_cell.angle_gamma   120.00
#
_symmetry.space_group_name_H-M   'H 3 2'
#
loop_
_entity.id
_entity.type
_entity.pdbx_description
1 polymer 'Hemagglutinin HA1'
2 polymer 'Hemagglutinin HA2'
3 branched 2-acetamido-2-deoxy-beta-D-glucopyranose-(1-4)-2-acetamido-2-deoxy-beta-D-glucopyranose
4 branched beta-D-mannopyranose-(1-3)-[alpha-D-mannopyranose-(1-6)]alpha-D-mannopyranose-(1-4)-2-acetamido-2-deoxy-beta-D-glucopyranose-(1-4)-2-acetamido-2-deoxy-beta-D-glucopyranose
5 branched 'N-acetyl-alpha-neuraminic acid-(2-3)-beta-D-galactopyranose'
6 branched beta-D-mannopyranose-(1-4)-2-acetamido-2-deoxy-beta-D-glucopyranose-(1-4)-2-acetamido-2-deoxy-beta-D-glucopyranose
7 non-polymer 2-acetamido-2-deoxy-beta-D-glucopyranose
8 non-polymer '3[N-MORPHOLINO]PROPANE SULFONIC ACID'
9 water water
#
loop_
_entity_poly.entity_id
_entity_poly.type
_entity_poly.pdbx_seq_one_letter_code
_entity_poly.pdbx_strand_id
1 'polypeptide(L)'
;DQICIGYHANNSTEQVDTIMEKNVTVTHAQDILEKTHNGKLCDLDGVKPLILRDCSVAGWLLGNPMCDEFINVPEWSYIV
EKANPVNDLCYPGDFNDYEELKHLLSRINHFEKIQIIPKSSWSSHEASLGVSSACPYQGKSSFFRNVVWLIKKNSTYPTI
KRSYNNTNQEDLLVLWGIHHPNDAAEQTKLYRNPTTYISVGTSTLNQRLVPRIATRSKVNGQNGRMEFFWTILKPNDAIN
FESNGNFIAPEYAYKIVKKGDSTIMKSELEYGNCNTKCQTPMGAINSSMPFHNIHPLTIGECPKYVKSNRLVLATGLRNS
PQRETR
;
A
2 'polypeptide(L)'
;GLFGAIAGFIEGGWQGMVDGWYGYHHSNEQGSGYAADKESTQKAIDGVTNKVNSIIDKMNTQFEAVGREFNNLERRIENL
NKKMEDGFLDVWTYNAELLVLMENERTLDFHDSNVKNLYDKVRLQLRDNAKELGNGCFEFYHKCDNECMESVRNGTYDYP
QYSEEA
;
B
#
# COMPACT_ATOMS: atom_id res chain seq x y z
N ASP A 1 59.67 -22.57 1.99
CA ASP A 1 58.57 -22.28 1.03
C ASP A 1 57.25 -22.83 1.54
N GLN A 2 56.18 -22.04 1.37
CA GLN A 2 54.86 -22.46 1.80
C GLN A 2 53.72 -21.91 0.98
N ILE A 3 52.60 -22.62 1.05
CA ILE A 3 51.35 -22.16 0.47
C ILE A 3 50.29 -22.19 1.56
N CYS A 4 49.42 -21.18 1.55
CA CYS A 4 48.45 -20.98 2.61
C CYS A 4 47.07 -20.83 1.99
N ILE A 5 46.06 -21.33 2.68
CA ILE A 5 44.67 -21.12 2.29
C ILE A 5 44.05 -20.06 3.18
N GLY A 6 43.25 -19.18 2.59
CA GLY A 6 42.69 -18.06 3.32
C GLY A 6 41.47 -17.47 2.65
N TYR A 7 40.98 -16.38 3.20
CA TYR A 7 39.75 -15.80 2.77
C TYR A 7 39.80 -14.27 2.84
N HIS A 8 38.82 -13.64 2.21
CA HIS A 8 38.77 -12.20 2.00
C HIS A 8 38.48 -11.42 3.27
N ALA A 9 39.08 -10.25 3.38
CA ALA A 9 38.69 -9.25 4.38
C ALA A 9 38.72 -7.88 3.73
N ASN A 10 37.97 -6.94 4.28
CA ASN A 10 37.98 -5.58 3.78
C ASN A 10 37.63 -4.58 4.88
N ASN A 11 37.47 -3.31 4.51
CA ASN A 11 37.23 -2.26 5.51
C ASN A 11 35.74 -2.07 5.87
N SER A 12 34.92 -3.08 5.58
CA SER A 12 33.48 -3.02 5.78
C SER A 12 33.11 -3.00 7.26
N THR A 13 32.10 -2.20 7.58
CA THR A 13 31.55 -2.10 8.94
C THR A 13 30.09 -2.54 8.96
N GLU A 14 29.56 -2.95 7.81
CA GLU A 14 28.20 -3.48 7.74
C GLU A 14 28.04 -4.71 8.63
N GLN A 15 26.89 -4.79 9.30
CA GLN A 15 26.63 -5.81 10.31
C GLN A 15 25.32 -6.54 10.00
N VAL A 16 25.26 -7.83 10.33
CA VAL A 16 24.02 -8.60 10.20
C VAL A 16 23.77 -9.32 11.52
N ASP A 17 22.51 -9.69 11.73
CA ASP A 17 22.12 -10.47 12.91
C ASP A 17 21.88 -11.93 12.53
N THR A 18 22.15 -12.84 13.46
CA THR A 18 21.81 -14.27 13.35
C THR A 18 21.11 -14.71 14.63
N ILE A 19 20.70 -15.97 14.71
CA ILE A 19 20.01 -16.48 15.91
C ILE A 19 20.91 -16.48 17.14
N MET A 20 22.17 -16.84 16.94
CA MET A 20 23.10 -17.01 18.05
C MET A 20 23.96 -15.79 18.35
N GLU A 21 24.01 -14.85 17.42
CA GLU A 21 24.89 -13.71 17.56
C GLU A 21 24.33 -12.50 16.83
N LYS A 22 24.48 -11.33 17.45
CA LYS A 22 23.98 -10.09 16.87
C LYS A 22 25.15 -9.20 16.48
N ASN A 23 24.91 -8.33 15.52
CA ASN A 23 25.93 -7.35 15.12
C ASN A 23 27.25 -7.99 14.71
N VAL A 24 27.15 -8.99 13.84
CA VAL A 24 28.30 -9.65 13.22
C VAL A 24 28.74 -8.83 12.01
N THR A 25 29.99 -8.36 12.00
CA THR A 25 30.48 -7.55 10.88
C THR A 25 30.81 -8.45 9.69
N VAL A 26 30.30 -8.09 8.51
CA VAL A 26 30.54 -8.85 7.31
C VAL A 26 31.17 -8.02 6.19
N THR A 27 31.80 -8.70 5.25
CA THR A 27 32.51 -8.06 4.15
C THR A 27 31.55 -7.47 3.14
N HIS A 28 30.41 -8.13 2.94
CA HIS A 28 29.35 -7.63 2.07
C HIS A 28 27.97 -8.02 2.60
N ALA A 29 27.00 -7.18 2.31
CA ALA A 29 25.63 -7.36 2.79
C ALA A 29 24.65 -6.71 1.80
N GLN A 30 23.37 -6.97 1.99
CA GLN A 30 22.34 -6.37 1.13
C GLN A 30 21.12 -6.00 1.96
N ASP A 31 20.88 -4.69 2.06
CA ASP A 31 19.66 -4.17 2.65
C ASP A 31 18.49 -4.52 1.72
N ILE A 32 17.38 -4.97 2.28
CA ILE A 32 16.19 -5.30 1.48
C ILE A 32 14.91 -4.57 1.94
N LEU A 33 15.05 -3.60 2.84
CA LEU A 33 13.92 -2.86 3.39
C LEU A 33 14.00 -1.40 2.99
N GLU A 34 12.97 -0.91 2.30
CA GLU A 34 12.91 0.51 1.95
C GLU A 34 12.37 1.31 3.13
N LYS A 35 13.16 2.27 3.59
CA LYS A 35 12.83 3.03 4.79
C LYS A 35 12.40 4.48 4.49
N THR A 36 12.64 4.96 3.28
CA THR A 36 12.34 6.36 2.94
C THR A 36 11.17 6.52 1.98
N HIS A 37 10.57 7.72 2.05
CA HIS A 37 9.52 8.16 1.12
C HIS A 37 9.74 9.66 0.85
N ASN A 38 9.04 10.22 -0.13
CA ASN A 38 9.21 11.64 -0.50
C ASN A 38 8.28 12.61 0.24
N GLY A 39 7.26 12.07 0.92
CA GLY A 39 6.42 12.86 1.83
C GLY A 39 5.32 13.63 1.15
N LYS A 40 4.97 13.21 -0.06
CA LYS A 40 4.03 13.93 -0.91
C LYS A 40 2.95 13.01 -1.48
N LEU A 41 1.80 13.59 -1.80
CA LEU A 41 0.79 12.91 -2.60
C LEU A 41 1.08 13.19 -4.07
N CYS A 42 1.05 12.16 -4.90
CA CYS A 42 1.54 12.28 -6.28
C CYS A 42 0.64 11.58 -7.28
N ASP A 43 0.82 11.94 -8.55
CA ASP A 43 0.17 11.24 -9.64
C ASP A 43 0.62 9.79 -9.64
N LEU A 44 -0.33 8.88 -9.77
CA LEU A 44 -0.04 7.46 -9.88
C LEU A 44 0.01 7.07 -11.35
N ASP A 45 1.23 6.90 -11.87
CA ASP A 45 1.42 6.40 -13.23
C ASP A 45 0.90 7.40 -14.26
N GLY A 46 1.11 8.70 -13.97
CA GLY A 46 0.61 9.78 -14.82
C GLY A 46 -0.74 10.33 -14.39
N VAL A 47 -1.61 9.43 -13.90
CA VAL A 47 -3.00 9.76 -13.58
C VAL A 47 -3.13 10.38 -12.18
N LYS A 48 -3.50 11.66 -12.14
CA LYS A 48 -3.62 12.41 -10.89
C LYS A 48 -4.78 11.92 -10.01
N PRO A 49 -4.61 11.97 -8.67
CA PRO A 49 -5.70 11.59 -7.78
C PRO A 49 -6.75 12.68 -7.61
N LEU A 50 -7.93 12.27 -7.15
CA LEU A 50 -8.96 13.21 -6.72
C LEU A 50 -8.66 13.64 -5.30
N ILE A 51 -8.28 14.90 -5.12
CA ILE A 51 -7.96 15.43 -3.81
C ILE A 51 -9.12 16.29 -3.31
N LEU A 52 -9.96 15.69 -2.47
CA LEU A 52 -11.19 16.32 -2.00
C LEU A 52 -10.96 17.52 -1.09
N ARG A 53 -9.74 17.64 -0.56
CA ARG A 53 -9.35 18.79 0.25
C ARG A 53 -10.21 18.87 1.53
N ASP A 54 -11.01 19.92 1.71
CA ASP A 54 -11.89 20.05 2.86
C ASP A 54 -13.26 19.39 2.66
N CYS A 55 -13.56 18.92 1.45
CA CYS A 55 -14.85 18.26 1.18
C CYS A 55 -14.79 16.76 1.51
N SER A 56 -15.96 16.17 1.70
CA SER A 56 -16.08 14.72 1.90
C SER A 56 -16.74 14.10 0.68
N VAL A 57 -16.78 12.78 0.65
CA VAL A 57 -17.38 12.05 -0.47
C VAL A 57 -18.86 12.43 -0.60
N ALA A 58 -19.52 12.65 0.54
CA ALA A 58 -20.91 13.10 0.57
C ALA A 58 -21.08 14.53 0.02
N GLY A 59 -20.34 15.47 0.62
CA GLY A 59 -20.35 16.86 0.14
C GLY A 59 -20.09 16.94 -1.35
N TRP A 60 -19.19 16.10 -1.84
CA TRP A 60 -18.88 16.04 -3.27
C TRP A 60 -20.06 15.53 -4.08
N LEU A 61 -20.53 14.33 -3.73
CA LEU A 61 -21.54 13.65 -4.55
C LEU A 61 -22.89 14.33 -4.54
N LEU A 62 -23.35 14.72 -3.36
CA LEU A 62 -24.59 15.50 -3.23
C LEU A 62 -24.46 16.90 -3.83
N GLY A 63 -23.23 17.42 -3.90
CA GLY A 63 -22.97 18.74 -4.47
C GLY A 63 -23.15 19.88 -3.48
N ASN A 64 -22.54 19.73 -2.30
CA ASN A 64 -22.42 20.82 -1.34
C ASN A 64 -21.87 22.04 -2.06
N PRO A 65 -22.53 23.21 -1.92
CA PRO A 65 -22.11 24.41 -2.67
C PRO A 65 -20.70 24.92 -2.35
N MET A 66 -20.13 24.48 -1.23
CA MET A 66 -18.72 24.74 -0.90
C MET A 66 -17.75 23.85 -1.69
N CYS A 67 -18.28 22.90 -2.46
CA CYS A 67 -17.46 21.93 -3.18
C CYS A 67 -17.62 22.05 -4.68
N ASP A 68 -17.74 23.29 -5.16
CA ASP A 68 -17.87 23.56 -6.59
C ASP A 68 -16.61 23.15 -7.35
N GLU A 69 -15.46 23.16 -6.68
CA GLU A 69 -14.20 22.68 -7.26
C GLU A 69 -14.39 21.32 -7.94
N PHE A 70 -15.21 20.47 -7.32
CA PHE A 70 -15.39 19.09 -7.78
C PHE A 70 -16.74 18.88 -8.48
N ILE A 71 -17.16 19.87 -9.24
CA ILE A 71 -18.46 19.83 -9.91
C ILE A 71 -18.43 18.94 -11.15
N ASN A 72 -17.27 18.83 -11.80
CA ASN A 72 -17.07 17.88 -12.90
C ASN A 72 -15.64 17.36 -12.96
N VAL A 73 -15.36 16.39 -12.09
CA VAL A 73 -14.00 15.90 -11.90
C VAL A 73 -13.61 14.89 -12.97
N PRO A 74 -12.39 15.01 -13.50
CA PRO A 74 -11.93 14.04 -14.48
C PRO A 74 -11.56 12.71 -13.83
N GLU A 75 -11.16 11.75 -14.66
CA GLU A 75 -10.72 10.44 -14.22
C GLU A 75 -9.61 10.55 -13.16
N TRP A 76 -9.72 9.75 -12.10
CA TRP A 76 -8.70 9.72 -11.05
C TRP A 76 -8.04 8.35 -10.93
N SER A 77 -6.94 8.31 -10.19
CA SER A 77 -6.20 7.08 -9.91
C SER A 77 -6.60 6.56 -8.53
N TYR A 78 -6.53 7.46 -7.56
CA TYR A 78 -7.05 7.19 -6.22
C TYR A 78 -7.69 8.47 -5.69
N ILE A 79 -8.36 8.36 -4.54
CA ILE A 79 -9.03 9.51 -3.94
C ILE A 79 -8.42 9.79 -2.57
N VAL A 80 -8.27 11.07 -2.23
CA VAL A 80 -7.73 11.46 -0.93
C VAL A 80 -8.73 12.29 -0.15
N GLU A 81 -9.12 11.79 1.01
CA GLU A 81 -10.09 12.43 1.88
C GLU A 81 -9.48 12.61 3.25
N LYS A 82 -9.70 13.76 3.88
CA LYS A 82 -9.22 13.98 5.24
C LYS A 82 -9.96 13.11 6.26
N ALA A 83 -9.44 13.11 7.49
CA ALA A 83 -10.06 12.39 8.59
C ALA A 83 -11.36 13.06 9.05
N ASN A 84 -11.34 14.40 9.13
CA ASN A 84 -12.52 15.18 9.57
C ASN A 84 -12.82 16.38 8.67
N PRO A 85 -13.23 16.12 7.42
CA PRO A 85 -13.49 17.23 6.49
C PRO A 85 -14.57 18.17 7.02
N VAL A 86 -14.38 19.47 6.89
CA VAL A 86 -15.33 20.44 7.43
C VAL A 86 -16.61 20.56 6.58
N ASN A 87 -16.46 20.42 5.26
CA ASN A 87 -17.59 20.51 4.33
C ASN A 87 -18.17 19.14 4.00
N ASP A 88 -18.93 18.60 4.95
CA ASP A 88 -19.66 17.35 4.77
C ASP A 88 -21.11 17.72 4.40
N LEU A 89 -22.09 17.26 5.18
CA LEU A 89 -23.49 17.63 4.98
C LEU A 89 -23.77 18.98 5.65
N CYS A 90 -23.82 20.04 4.85
CA CYS A 90 -24.02 21.39 5.35
C CYS A 90 -25.36 21.52 6.09
N TYR A 91 -26.43 20.99 5.51
CA TYR A 91 -27.70 20.82 6.21
C TYR A 91 -27.63 19.48 6.93
N PRO A 92 -27.82 19.49 8.27
CA PRO A 92 -27.58 18.28 9.06
C PRO A 92 -28.47 17.09 8.69
N GLY A 93 -28.00 15.88 8.99
CA GLY A 93 -28.77 14.67 8.72
C GLY A 93 -27.93 13.40 8.65
N ASP A 94 -28.33 12.50 7.76
CA ASP A 94 -27.62 11.24 7.53
C ASP A 94 -27.46 10.96 6.05
N PHE A 95 -26.52 10.08 5.74
CA PHE A 95 -26.35 9.52 4.41
C PHE A 95 -26.49 8.02 4.58
N ASN A 96 -27.55 7.47 4.01
CA ASN A 96 -27.87 6.06 4.20
C ASN A 96 -26.92 5.14 3.43
N ASP A 97 -26.44 4.09 4.11
CA ASP A 97 -25.47 3.15 3.56
C ASP A 97 -24.24 3.83 2.96
N TYR A 98 -23.74 4.83 3.70
CA TYR A 98 -22.65 5.67 3.22
C TYR A 98 -21.38 4.86 2.98
N GLU A 99 -21.12 3.92 3.89
CA GLU A 99 -19.90 3.12 3.84
C GLU A 99 -19.93 2.16 2.66
N GLU A 100 -21.09 1.52 2.46
CA GLU A 100 -21.25 0.62 1.32
C GLU A 100 -21.07 1.38 0.01
N LEU A 101 -21.43 2.66 0.00
CA LEU A 101 -21.22 3.48 -1.20
C LEU A 101 -19.74 3.78 -1.39
N LYS A 102 -19.09 4.30 -0.34
CA LYS A 102 -17.64 4.50 -0.38
C LYS A 102 -16.89 3.26 -0.86
N HIS A 103 -17.29 2.10 -0.38
CA HIS A 103 -16.65 0.86 -0.81
C HIS A 103 -16.84 0.65 -2.31
N LEU A 104 -18.00 1.04 -2.81
CA LEU A 104 -18.30 0.94 -4.24
C LEU A 104 -17.35 1.81 -5.08
N LEU A 105 -16.87 2.91 -4.49
CA LEU A 105 -15.95 3.84 -5.16
C LEU A 105 -14.52 3.33 -5.30
N SER A 106 -14.14 2.33 -4.52
CA SER A 106 -12.83 1.72 -4.71
C SER A 106 -12.76 0.95 -6.02
N ARG A 107 -13.93 0.64 -6.60
CA ARG A 107 -14.02 0.01 -7.92
C ARG A 107 -14.25 1.03 -9.06
N ILE A 108 -14.14 2.32 -8.77
CA ILE A 108 -14.51 3.37 -9.74
C ILE A 108 -13.40 4.42 -9.91
N ASN A 109 -13.08 4.73 -11.18
CA ASN A 109 -12.08 5.75 -11.53
C ASN A 109 -12.66 7.02 -12.15
N HIS A 110 -13.88 6.96 -12.68
CA HIS A 110 -14.47 8.12 -13.37
C HIS A 110 -15.99 8.13 -13.39
N PHE A 111 -16.55 9.26 -12.96
CA PHE A 111 -17.97 9.52 -13.10
C PHE A 111 -18.16 10.53 -14.22
N GLU A 112 -19.32 10.51 -14.86
CA GLU A 112 -19.75 11.59 -15.74
C GLU A 112 -21.16 12.03 -15.33
N LYS A 113 -21.27 13.27 -14.85
CA LYS A 113 -22.54 13.79 -14.38
C LYS A 113 -23.48 14.11 -15.53
N ILE A 114 -24.74 13.67 -15.42
CA ILE A 114 -25.77 14.02 -16.39
C ILE A 114 -27.06 14.41 -15.69
N GLN A 115 -27.89 15.19 -16.40
CA GLN A 115 -29.16 15.66 -15.87
C GLN A 115 -30.27 14.67 -16.21
N ILE A 116 -31.01 14.23 -15.19
CA ILE A 116 -32.10 13.28 -15.41
C ILE A 116 -33.49 13.89 -15.18
N ILE A 117 -33.62 14.83 -14.24
CA ILE A 117 -34.87 15.55 -14.03
C ILE A 117 -34.60 17.06 -13.96
N PRO A 118 -34.82 17.78 -15.10
CA PRO A 118 -34.47 19.20 -15.14
C PRO A 118 -35.21 20.03 -14.09
N LYS A 119 -34.51 21.01 -13.54
CA LYS A 119 -35.05 21.85 -12.47
C LYS A 119 -36.26 22.66 -12.93
N SER A 120 -36.25 23.06 -14.19
CA SER A 120 -37.36 23.81 -14.78
C SER A 120 -38.65 22.99 -14.93
N SER A 121 -38.51 21.67 -14.97
CA SER A 121 -39.64 20.78 -15.22
C SER A 121 -40.71 20.73 -14.11
N TRP A 122 -40.42 21.33 -12.96
CA TRP A 122 -41.36 21.29 -11.84
C TRP A 122 -42.35 22.45 -11.91
N SER A 123 -43.39 22.27 -12.73
CA SER A 123 -44.37 23.32 -13.01
C SER A 123 -45.48 23.41 -11.97
N SER A 124 -45.75 22.31 -11.26
CA SER A 124 -46.79 22.28 -10.22
C SER A 124 -46.23 22.54 -8.81
N HIS A 125 -44.90 22.61 -8.69
CA HIS A 125 -44.25 22.80 -7.40
C HIS A 125 -43.16 23.88 -7.51
N GLU A 126 -42.83 24.49 -6.37
CA GLU A 126 -41.80 25.53 -6.33
C GLU A 126 -40.41 24.93 -6.11
N ALA A 127 -39.56 25.00 -7.13
CA ALA A 127 -38.26 24.33 -7.13
C ALA A 127 -37.08 25.25 -6.84
N SER A 128 -37.34 26.55 -6.73
CA SER A 128 -36.27 27.55 -6.62
C SER A 128 -36.23 28.25 -5.25
N LEU A 129 -37.01 27.77 -4.30
CA LEU A 129 -36.99 28.28 -2.94
C LEU A 129 -36.52 27.22 -1.93
N GLY A 130 -35.99 26.12 -2.44
CA GLY A 130 -35.48 25.05 -1.59
C GLY A 130 -34.05 25.26 -1.13
N VAL A 131 -33.87 26.25 -0.25
CA VAL A 131 -32.54 26.64 0.24
C VAL A 131 -32.52 26.84 1.76
N SER A 132 -31.32 26.95 2.31
CA SER A 132 -31.13 27.13 3.75
C SER A 132 -29.83 27.90 4.06
N SER A 133 -29.83 28.62 5.18
CA SER A 133 -28.67 29.39 5.61
C SER A 133 -27.53 28.49 6.13
N ALA A 134 -27.83 27.22 6.40
CA ALA A 134 -26.80 26.25 6.77
C ALA A 134 -25.88 25.88 5.60
N CYS A 135 -26.37 26.04 4.36
CA CYS A 135 -25.59 25.80 3.15
C CYS A 135 -25.37 27.10 2.36
N PRO A 136 -24.52 28.00 2.87
CA PRO A 136 -24.34 29.29 2.23
C PRO A 136 -23.49 29.24 0.96
N TYR A 137 -23.74 30.17 0.03
CA TYR A 137 -22.89 30.35 -1.15
C TYR A 137 -22.82 31.83 -1.52
N GLN A 138 -21.63 32.40 -1.43
CA GLN A 138 -21.40 33.83 -1.71
C GLN A 138 -22.37 34.72 -0.91
N GLY A 139 -22.48 34.44 0.38
CA GLY A 139 -23.25 35.27 1.31
C GLY A 139 -24.74 34.96 1.39
N LYS A 140 -25.23 34.14 0.45
CA LYS A 140 -26.66 33.86 0.36
C LYS A 140 -26.95 32.40 0.68
N SER A 141 -28.20 32.11 1.03
CA SER A 141 -28.63 30.75 1.33
C SER A 141 -28.72 29.91 0.05
N SER A 142 -28.12 28.72 0.08
CA SER A 142 -28.07 27.83 -1.08
C SER A 142 -28.43 26.40 -0.65
N PHE A 143 -28.08 25.41 -1.48
CA PHE A 143 -28.36 24.01 -1.17
C PHE A 143 -27.53 23.04 -2.01
N PHE A 144 -27.45 21.79 -1.57
CA PHE A 144 -26.84 20.71 -2.36
C PHE A 144 -27.26 20.83 -3.82
N ARG A 145 -26.30 21.06 -4.71
CA ARG A 145 -26.58 21.40 -6.10
C ARG A 145 -27.17 20.30 -6.99
N ASN A 146 -27.10 19.05 -6.55
CA ASN A 146 -27.50 17.93 -7.40
C ASN A 146 -28.90 17.41 -7.11
N VAL A 147 -29.51 17.91 -6.04
CA VAL A 147 -30.86 17.52 -5.67
C VAL A 147 -31.72 18.76 -5.48
N VAL A 148 -33.02 18.62 -5.70
CA VAL A 148 -33.95 19.75 -5.69
C VAL A 148 -34.89 19.63 -4.49
N TRP A 149 -34.80 20.58 -3.55
CA TRP A 149 -35.69 20.63 -2.40
C TRP A 149 -37.03 21.29 -2.82
N LEU A 150 -38.04 20.46 -3.08
CA LEU A 150 -39.32 20.96 -3.60
C LEU A 150 -40.26 21.38 -2.48
N ILE A 151 -40.93 22.52 -2.66
CA ILE A 151 -41.99 22.99 -1.75
C ILE A 151 -43.27 23.34 -2.51
N LYS A 152 -44.35 23.57 -1.75
CA LYS A 152 -45.68 23.84 -2.33
C LYS A 152 -45.73 25.12 -3.17
N LYS A 153 -46.65 25.13 -4.15
CA LYS A 153 -46.88 26.27 -5.04
C LYS A 153 -48.35 26.69 -4.96
N ASN A 154 -48.57 27.97 -4.66
CA ASN A 154 -49.92 28.52 -4.42
C ASN A 154 -50.70 27.70 -3.38
N SER A 155 -50.02 27.33 -2.29
CA SER A 155 -50.60 26.55 -1.19
C SER A 155 -51.13 25.20 -1.65
N THR A 156 -50.38 24.50 -2.50
CA THR A 156 -50.77 23.17 -2.96
C THR A 156 -49.56 22.34 -3.29
N TYR A 157 -49.48 21.15 -2.71
CA TYR A 157 -48.47 20.17 -3.08
C TYR A 157 -49.22 18.93 -3.58
N PRO A 158 -49.53 18.90 -4.88
CA PRO A 158 -50.21 17.73 -5.43
C PRO A 158 -49.23 16.58 -5.61
N THR A 159 -49.75 15.37 -5.69
CA THR A 159 -48.91 14.18 -5.79
C THR A 159 -47.99 14.26 -7.01
N ILE A 160 -46.72 13.92 -6.79
CA ILE A 160 -45.70 13.85 -7.84
C ILE A 160 -45.60 12.42 -8.35
N LYS A 161 -45.59 12.25 -9.66
CA LYS A 161 -45.34 10.94 -10.28
C LYS A 161 -44.40 11.11 -11.47
N ARG A 162 -43.11 10.97 -11.21
CA ARG A 162 -42.09 11.13 -12.23
C ARG A 162 -41.30 9.85 -12.35
N SER A 163 -40.80 9.59 -13.56
CA SER A 163 -40.15 8.32 -13.86
C SER A 163 -38.99 8.52 -14.86
N TYR A 164 -37.79 8.13 -14.46
CA TYR A 164 -36.64 8.17 -15.38
C TYR A 164 -36.23 6.77 -15.83
N ASN A 165 -35.85 6.67 -17.10
CA ASN A 165 -35.47 5.42 -17.72
C ASN A 165 -34.01 5.50 -18.15
N ASN A 166 -33.19 4.58 -17.65
CA ASN A 166 -31.77 4.56 -18.00
C ASN A 166 -31.53 3.98 -19.38
N THR A 167 -31.52 4.86 -20.38
CA THR A 167 -31.22 4.47 -21.76
C THR A 167 -29.70 4.48 -22.05
N ASN A 168 -28.90 4.92 -21.08
CA ASN A 168 -27.45 4.89 -21.22
C ASN A 168 -26.93 3.46 -21.14
N GLN A 169 -25.79 3.22 -21.76
CA GLN A 169 -25.12 1.93 -21.66
C GLN A 169 -24.58 1.65 -20.25
N GLU A 170 -24.28 2.70 -19.49
CA GLU A 170 -23.57 2.61 -18.21
C GLU A 170 -24.47 2.69 -16.98
N ASP A 171 -24.20 1.83 -15.99
CA ASP A 171 -24.84 1.88 -14.67
C ASP A 171 -24.92 3.33 -14.22
N LEU A 172 -26.02 3.69 -13.56
CA LEU A 172 -26.24 5.06 -13.11
C LEU A 172 -26.40 5.12 -11.60
N LEU A 173 -25.64 6.01 -10.95
CA LEU A 173 -25.80 6.28 -9.53
C LEU A 173 -26.80 7.40 -9.35
N VAL A 174 -27.93 7.09 -8.73
CA VAL A 174 -28.97 8.08 -8.46
C VAL A 174 -29.03 8.39 -6.96
N LEU A 175 -29.12 9.68 -6.65
CA LEU A 175 -29.23 10.16 -5.27
C LEU A 175 -30.54 10.91 -5.09
N TRP A 176 -31.22 10.66 -3.97
CA TRP A 176 -32.36 11.47 -3.57
C TRP A 176 -32.39 11.59 -2.05
N GLY A 177 -33.41 12.27 -1.52
CA GLY A 177 -33.50 12.46 -0.07
C GLY A 177 -34.89 12.80 0.43
N ILE A 178 -35.03 12.76 1.74
CA ILE A 178 -36.27 13.13 2.41
C ILE A 178 -35.95 14.18 3.48
N HIS A 179 -36.87 15.12 3.68
CA HIS A 179 -36.72 16.14 4.70
C HIS A 179 -37.61 15.83 5.90
N HIS A 180 -37.00 15.81 7.09
CA HIS A 180 -37.75 15.67 8.33
C HIS A 180 -37.97 17.05 8.90
N PRO A 181 -39.24 17.48 8.99
CA PRO A 181 -39.53 18.79 9.53
C PRO A 181 -39.41 18.82 11.04
N ASN A 182 -39.46 20.01 11.61
CA ASN A 182 -39.31 20.17 13.05
C ASN A 182 -40.57 19.79 13.83
N ASP A 183 -41.71 20.34 13.42
CA ASP A 183 -42.98 20.13 14.12
C ASP A 183 -44.14 20.01 13.14
N ALA A 184 -45.34 19.74 13.68
CA ALA A 184 -46.56 19.62 12.87
C ALA A 184 -46.86 20.88 12.04
N ALA A 185 -46.48 22.05 12.57
CA ALA A 185 -46.72 23.33 11.90
C ALA A 185 -45.80 23.55 10.70
N GLU A 186 -44.54 23.13 10.81
CA GLU A 186 -43.57 23.31 9.72
C GLU A 186 -43.88 22.41 8.52
N GLN A 187 -44.45 21.24 8.79
CA GLN A 187 -44.93 20.34 7.74
C GLN A 187 -45.94 21.04 6.85
N THR A 188 -46.96 21.64 7.45
CA THR A 188 -47.99 22.36 6.70
C THR A 188 -47.40 23.61 6.04
N LYS A 189 -46.54 24.31 6.77
CA LYS A 189 -45.94 25.54 6.29
C LYS A 189 -45.11 25.36 5.01
N LEU A 190 -44.53 24.16 4.82
CA LEU A 190 -43.71 23.85 3.64
C LEU A 190 -44.44 23.03 2.58
N TYR A 191 -45.16 22.00 3.03
CA TYR A 191 -45.77 21.01 2.13
C TYR A 191 -47.30 20.95 2.21
N ARG A 192 -47.88 21.60 3.21
CA ARG A 192 -49.33 21.64 3.45
C ARG A 192 -49.90 20.28 3.91
N ASN A 193 -49.82 19.27 3.06
CA ASN A 193 -50.25 17.91 3.42
C ASN A 193 -49.65 17.51 4.77
N PRO A 194 -50.51 17.07 5.71
CA PRO A 194 -50.00 16.71 7.04
C PRO A 194 -49.27 15.37 7.07
N THR A 195 -49.84 14.37 6.40
CA THR A 195 -49.21 13.05 6.30
C THR A 195 -48.66 12.88 4.89
N THR A 196 -47.35 12.66 4.78
CA THR A 196 -46.70 12.51 3.47
C THR A 196 -45.85 11.25 3.40
N TYR A 197 -45.35 10.97 2.20
CA TYR A 197 -44.52 9.80 1.94
C TYR A 197 -43.71 10.02 0.67
N ILE A 198 -42.71 9.17 0.47
CA ILE A 198 -42.00 9.08 -0.80
C ILE A 198 -41.83 7.60 -1.13
N SER A 199 -42.36 7.19 -2.29
CA SER A 199 -42.21 5.81 -2.74
C SER A 199 -41.28 5.74 -3.94
N VAL A 200 -40.28 4.87 -3.85
CA VAL A 200 -39.27 4.72 -4.90
C VAL A 200 -39.24 3.26 -5.32
N GLY A 201 -39.26 3.01 -6.63
CA GLY A 201 -39.24 1.66 -7.16
C GLY A 201 -38.36 1.51 -8.39
N THR A 202 -37.62 0.41 -8.44
CA THR A 202 -36.93 -0.02 -9.65
C THR A 202 -37.32 -1.48 -9.89
N SER A 203 -36.56 -2.18 -10.71
CA SER A 203 -36.74 -3.62 -10.86
C SER A 203 -36.47 -4.34 -9.53
N THR A 204 -35.44 -3.91 -8.81
CA THR A 204 -35.11 -4.52 -7.52
C THR A 204 -35.74 -3.74 -6.37
N LEU A 205 -35.52 -2.42 -6.36
CA LEU A 205 -35.91 -1.59 -5.21
C LEU A 205 -37.43 -1.48 -5.00
N ASN A 206 -37.82 -1.45 -3.73
CA ASN A 206 -39.22 -1.29 -3.33
C ASN A 206 -39.30 -0.53 -2.00
N GLN A 207 -39.23 0.80 -2.09
CA GLN A 207 -39.06 1.65 -0.92
C GLN A 207 -40.30 2.51 -0.64
N ARG A 208 -40.52 2.83 0.64
CA ARG A 208 -41.53 3.81 1.03
C ARG A 208 -41.07 4.56 2.29
N LEU A 209 -40.68 5.82 2.10
CA LEU A 209 -40.17 6.63 3.20
C LEU A 209 -41.28 7.47 3.80
N VAL A 210 -41.25 7.63 5.12
CA VAL A 210 -42.16 8.53 5.83
C VAL A 210 -41.34 9.50 6.69
N PRO A 211 -41.67 10.80 6.64
CA PRO A 211 -40.94 11.73 7.48
C PRO A 211 -41.23 11.52 8.96
N ARG A 212 -40.22 11.76 9.79
CA ARG A 212 -40.33 11.55 11.22
C ARG A 212 -40.16 12.86 11.98
N ILE A 213 -41.21 13.28 12.68
CA ILE A 213 -41.19 14.50 13.48
C ILE A 213 -40.57 14.19 14.85
N ALA A 214 -39.64 15.05 15.27
CA ALA A 214 -39.02 14.94 16.59
C ALA A 214 -38.30 16.23 16.94
N THR A 215 -38.20 16.48 18.25
CA THR A 215 -37.52 17.67 18.74
C THR A 215 -36.01 17.42 18.73
N ARG A 216 -35.32 18.12 17.84
CA ARG A 216 -33.88 17.92 17.67
C ARG A 216 -33.10 19.11 18.22
N SER A 217 -31.85 18.86 18.60
CA SER A 217 -30.89 19.92 18.88
C SER A 217 -30.50 20.59 17.56
N LYS A 218 -30.15 21.86 17.61
CA LYS A 218 -29.70 22.56 16.41
C LYS A 218 -28.31 22.07 16.00
N VAL A 219 -28.14 21.83 14.70
CA VAL A 219 -26.83 21.51 14.13
C VAL A 219 -26.65 22.39 12.91
N ASN A 220 -25.59 23.20 12.90
CA ASN A 220 -25.43 24.27 11.92
C ASN A 220 -26.66 25.20 11.87
N GLY A 221 -27.25 25.45 13.04
CA GLY A 221 -28.38 26.37 13.15
C GLY A 221 -29.70 25.87 12.62
N GLN A 222 -29.81 24.57 12.38
CA GLN A 222 -31.05 23.99 11.86
C GLN A 222 -31.49 22.81 12.72
N ASN A 223 -32.79 22.75 13.00
CA ASN A 223 -33.39 21.66 13.76
C ASN A 223 -33.88 20.54 12.85
N GLY A 224 -34.25 20.90 11.63
CA GLY A 224 -34.66 19.93 10.62
C GLY A 224 -33.53 19.00 10.21
N ARG A 225 -33.89 17.86 9.63
CA ARG A 225 -32.90 16.87 9.19
C ARG A 225 -33.17 16.39 7.77
N MET A 226 -32.09 16.09 7.05
CA MET A 226 -32.18 15.53 5.72
C MET A 226 -31.55 14.14 5.75
N GLU A 227 -32.25 13.15 5.19
CA GLU A 227 -31.75 11.78 5.15
C GLU A 227 -31.64 11.35 3.68
N PHE A 228 -30.42 11.11 3.22
CA PHE A 228 -30.18 10.87 1.80
C PHE A 228 -30.02 9.39 1.49
N PHE A 229 -30.63 8.97 0.39
CA PHE A 229 -30.62 7.57 -0.05
C PHE A 229 -30.05 7.46 -1.45
N TRP A 230 -29.74 6.24 -1.86
CA TRP A 230 -29.15 6.01 -3.17
C TRP A 230 -29.43 4.62 -3.73
N THR A 231 -29.22 4.49 -5.04
CA THR A 231 -29.27 3.19 -5.71
C THR A 231 -28.44 3.22 -6.98
N ILE A 232 -28.09 2.03 -7.48
CA ILE A 232 -27.52 1.89 -8.80
C ILE A 232 -28.63 1.45 -9.72
N LEU A 233 -28.98 2.31 -10.66
CA LEU A 233 -29.99 2.01 -11.66
C LEU A 233 -29.31 1.34 -12.84
N LYS A 234 -29.65 0.09 -13.08
CA LYS A 234 -29.02 -0.69 -14.13
C LYS A 234 -29.40 -0.19 -15.54
N PRO A 235 -28.70 -0.68 -16.58
CA PRO A 235 -29.11 -0.29 -17.94
C PRO A 235 -30.52 -0.78 -18.25
N ASN A 236 -31.28 -0.01 -19.02
CA ASN A 236 -32.63 -0.39 -19.43
C ASN A 236 -33.67 -0.48 -18.30
N ASP A 237 -33.27 -0.13 -17.08
CA ASP A 237 -34.21 -0.12 -15.96
C ASP A 237 -34.68 1.32 -15.75
N ALA A 238 -35.80 1.46 -15.06
CA ALA A 238 -36.38 2.77 -14.80
C ALA A 238 -36.67 2.95 -13.32
N ILE A 239 -36.35 4.13 -12.79
CA ILE A 239 -36.69 4.48 -11.42
C ILE A 239 -38.00 5.27 -11.37
N ASN A 240 -38.83 5.00 -10.36
CA ASN A 240 -40.17 5.59 -10.24
C ASN A 240 -40.35 6.32 -8.92
N PHE A 241 -40.59 7.62 -8.99
CA PHE A 241 -40.81 8.43 -7.79
C PHE A 241 -42.27 8.86 -7.68
N GLU A 242 -42.89 8.52 -6.55
CA GLU A 242 -44.20 9.06 -6.20
C GLU A 242 -44.12 9.63 -4.77
N SER A 243 -44.60 10.87 -4.60
CA SER A 243 -44.61 11.52 -3.29
C SER A 243 -45.61 12.67 -3.24
N ASN A 244 -46.02 13.03 -2.03
CA ASN A 244 -46.93 14.16 -1.79
C ASN A 244 -46.37 15.18 -0.79
N GLY A 245 -45.05 15.18 -0.62
CA GLY A 245 -44.37 16.12 0.26
C GLY A 245 -43.06 15.57 0.83
N ASN A 246 -42.20 16.49 1.27
CA ASN A 246 -40.93 16.17 1.92
C ASN A 246 -39.89 15.54 1.00
N PHE A 247 -40.09 15.69 -0.30
CA PHE A 247 -39.27 15.02 -1.31
C PHE A 247 -38.09 15.89 -1.72
N ILE A 248 -36.89 15.33 -1.62
CA ILE A 248 -35.69 15.96 -2.17
C ILE A 248 -35.40 15.19 -3.45
N ALA A 249 -35.67 15.84 -4.59
CA ALA A 249 -35.68 15.14 -5.87
C ALA A 249 -34.32 15.19 -6.59
N PRO A 250 -34.00 14.13 -7.36
CA PRO A 250 -32.79 14.16 -8.20
C PRO A 250 -32.83 15.25 -9.24
N GLU A 251 -31.72 15.97 -9.41
CA GLU A 251 -31.52 16.90 -10.53
C GLU A 251 -30.50 16.23 -11.46
N TYR A 252 -29.30 16.00 -10.94
CA TYR A 252 -28.22 15.34 -11.67
C TYR A 252 -27.92 13.97 -11.07
N ALA A 253 -27.39 13.09 -11.90
CA ALA A 253 -26.93 11.77 -11.45
C ALA A 253 -25.67 11.36 -12.22
N TYR A 254 -24.80 10.59 -11.57
CA TYR A 254 -23.49 10.25 -12.13
C TYR A 254 -23.49 8.93 -12.91
N LYS A 255 -22.98 8.97 -14.14
CA LYS A 255 -22.75 7.75 -14.92
C LYS A 255 -21.42 7.13 -14.51
N ILE A 256 -21.42 5.81 -14.33
CA ILE A 256 -20.19 5.07 -14.05
C ILE A 256 -19.56 4.61 -15.36
N VAL A 257 -18.63 5.41 -15.88
CA VAL A 257 -18.05 5.14 -17.19
C VAL A 257 -16.82 4.22 -17.12
N LYS A 258 -16.02 4.37 -16.06
CA LYS A 258 -14.79 3.60 -15.89
C LYS A 258 -14.77 2.87 -14.56
N LYS A 259 -14.53 1.55 -14.60
CA LYS A 259 -14.34 0.76 -13.40
C LYS A 259 -12.89 0.29 -13.32
N GLY A 260 -12.49 -0.20 -12.16
CA GLY A 260 -11.12 -0.70 -11.97
C GLY A 260 -10.55 -0.38 -10.60
N ASP A 261 -9.25 -0.60 -10.46
CA ASP A 261 -8.59 -0.45 -9.17
C ASP A 261 -8.48 1.01 -8.75
N SER A 262 -8.88 1.27 -7.50
CA SER A 262 -8.79 2.59 -6.91
C SER A 262 -8.91 2.43 -5.40
N THR A 263 -8.86 3.55 -4.67
CA THR A 263 -8.93 3.50 -3.22
C THR A 263 -9.19 4.88 -2.63
N ILE A 264 -9.86 4.89 -1.48
CA ILE A 264 -10.05 6.12 -0.72
C ILE A 264 -8.99 6.14 0.38
N MET A 265 -8.06 7.08 0.26
CA MET A 265 -6.92 7.20 1.14
C MET A 265 -7.21 8.28 2.16
N LYS A 266 -6.82 8.04 3.41
CA LYS A 266 -7.03 8.97 4.50
C LYS A 266 -5.74 9.70 4.77
N SER A 267 -5.75 11.01 4.56
CA SER A 267 -4.53 11.82 4.67
C SER A 267 -4.86 13.30 4.83
N GLU A 268 -4.06 13.99 5.63
CA GLU A 268 -4.18 15.44 5.76
C GLU A 268 -3.32 16.16 4.73
N LEU A 269 -2.48 15.43 4.01
CA LEU A 269 -1.57 16.02 3.05
C LEU A 269 -2.28 16.54 1.82
N GLU A 270 -1.60 17.43 1.11
CA GLU A 270 -2.10 18.07 -0.09
C GLU A 270 -1.23 17.66 -1.29
N TYR A 271 -1.65 18.07 -2.49
CA TYR A 271 -0.99 17.65 -3.73
C TYR A 271 0.49 18.03 -3.78
N GLY A 272 1.33 17.04 -4.04
CA GLY A 272 2.78 17.23 -4.09
C GLY A 272 3.28 17.76 -5.41
N ASN A 273 2.45 17.66 -6.45
CA ASN A 273 2.83 18.08 -7.80
C ASN A 273 4.02 17.26 -8.28
N CYS A 274 3.73 16.01 -8.62
CA CYS A 274 4.71 14.95 -8.49
C CYS A 274 4.19 13.66 -9.13
N ASN A 275 5.09 12.74 -9.48
CA ASN A 275 4.70 11.44 -10.05
C ASN A 275 5.37 10.24 -9.36
N THR A 276 4.67 9.11 -9.30
CA THR A 276 5.19 7.90 -8.66
C THR A 276 4.51 6.66 -9.21
N LYS A 277 5.06 5.49 -8.88
CA LYS A 277 4.47 4.20 -9.26
C LYS A 277 3.93 3.45 -8.04
N CYS A 278 4.08 4.04 -6.86
CA CYS A 278 3.62 3.43 -5.62
C CYS A 278 3.39 4.54 -4.60
N GLN A 279 2.17 4.63 -4.08
CA GLN A 279 1.79 5.74 -3.20
C GLN A 279 1.28 5.26 -1.86
N THR A 280 1.67 5.96 -0.80
CA THR A 280 1.12 5.75 0.54
C THR A 280 0.50 7.04 1.08
N PRO A 281 -0.34 6.93 2.13
CA PRO A 281 -0.92 8.09 2.81
C PRO A 281 0.09 9.08 3.39
N MET A 282 1.34 8.66 3.54
CA MET A 282 2.39 9.51 4.10
C MET A 282 3.36 10.04 3.05
N GLY A 283 3.30 9.48 1.84
CA GLY A 283 4.24 9.84 0.79
C GLY A 283 4.42 8.73 -0.24
N ALA A 284 5.14 9.03 -1.30
CA ALA A 284 5.34 8.10 -2.42
C ALA A 284 6.63 7.30 -2.26
N ILE A 285 6.72 6.19 -3.01
CA ILE A 285 7.84 5.26 -2.91
C ILE A 285 8.44 5.00 -4.29
N ASN A 286 9.76 5.11 -4.35
CA ASN A 286 10.52 4.78 -5.54
C ASN A 286 11.74 3.97 -5.12
N SER A 287 11.62 2.64 -5.14
CA SER A 287 12.75 1.78 -4.84
C SER A 287 12.54 0.37 -5.40
N SER A 288 13.64 -0.36 -5.54
CA SER A 288 13.61 -1.73 -6.04
C SER A 288 13.68 -2.78 -4.92
N MET A 289 13.57 -2.34 -3.67
CA MET A 289 13.63 -3.23 -2.52
C MET A 289 12.38 -4.10 -2.48
N PRO A 290 12.51 -5.35 -2.02
CA PRO A 290 11.33 -6.21 -1.86
C PRO A 290 10.40 -5.85 -0.70
N PHE A 291 10.87 -5.05 0.25
CA PHE A 291 10.07 -4.69 1.42
C PHE A 291 10.12 -3.21 1.71
N HIS A 292 9.13 -2.71 2.44
CA HIS A 292 9.20 -1.37 3.01
C HIS A 292 8.49 -1.34 4.36
N ASN A 293 8.66 -0.25 5.09
CA ASN A 293 8.01 -0.08 6.41
C ASN A 293 7.32 1.27 6.59
N ILE A 294 6.96 1.90 5.47
CA ILE A 294 6.35 3.23 5.46
C ILE A 294 4.93 3.21 6.04
N HIS A 295 4.06 2.43 5.41
CA HIS A 295 2.63 2.41 5.75
C HIS A 295 1.95 1.20 5.07
N PRO A 296 1.02 0.52 5.77
CA PRO A 296 0.39 -0.69 5.20
C PRO A 296 -0.52 -0.45 3.98
N LEU A 297 -1.29 0.64 3.99
CA LEU A 297 -2.22 0.93 2.89
C LEU A 297 -1.50 1.61 1.72
N THR A 298 -1.20 0.86 0.66
CA THR A 298 -0.57 1.43 -0.52
C THR A 298 -1.39 1.14 -1.77
N ILE A 299 -1.04 1.81 -2.86
CA ILE A 299 -1.70 1.64 -4.14
C ILE A 299 -0.61 1.69 -5.20
N GLY A 300 -0.69 0.79 -6.18
CA GLY A 300 0.31 0.70 -7.25
C GLY A 300 1.21 -0.51 -7.12
N GLU A 301 2.32 -0.50 -7.85
CA GLU A 301 3.28 -1.61 -7.81
C GLU A 301 4.27 -1.32 -6.69
N CYS A 302 4.04 -1.94 -5.54
CA CYS A 302 4.77 -1.62 -4.31
C CYS A 302 5.57 -2.81 -3.77
N PRO A 303 6.55 -2.52 -2.91
CA PRO A 303 7.14 -3.58 -2.11
C PRO A 303 6.16 -4.04 -1.03
N LYS A 304 6.48 -5.12 -0.35
CA LYS A 304 5.61 -5.64 0.70
C LYS A 304 5.88 -4.96 2.02
N TYR A 305 4.81 -4.65 2.74
CA TYR A 305 4.94 -3.88 3.96
C TYR A 305 5.24 -4.82 5.10
N VAL A 306 6.25 -4.47 5.91
CA VAL A 306 6.51 -5.15 7.18
C VAL A 306 6.75 -4.11 8.27
N LYS A 307 6.48 -4.47 9.52
CA LYS A 307 6.74 -3.60 10.66
C LYS A 307 8.20 -3.56 11.14
N SER A 308 9.16 -4.03 10.34
CA SER A 308 10.56 -4.08 10.77
C SER A 308 11.21 -2.72 10.71
N ASN A 309 12.17 -2.50 11.60
CA ASN A 309 13.07 -1.35 11.51
C ASN A 309 14.28 -1.64 10.63
N ARG A 310 14.59 -2.93 10.45
CA ARG A 310 15.83 -3.34 9.81
C ARG A 310 15.74 -4.77 9.23
N LEU A 311 16.02 -4.91 7.94
CA LEU A 311 16.23 -6.24 7.32
C LEU A 311 17.46 -6.19 6.41
N VAL A 312 18.54 -6.83 6.85
CA VAL A 312 19.79 -6.86 6.11
C VAL A 312 20.32 -8.28 6.02
N LEU A 313 20.53 -8.77 4.79
CA LEU A 313 21.02 -10.12 4.51
C LEU A 313 22.53 -10.12 4.33
N ALA A 314 23.18 -11.10 4.94
CA ALA A 314 24.59 -11.36 4.65
C ALA A 314 24.71 -11.95 3.25
N THR A 315 25.69 -11.46 2.51
CA THR A 315 26.11 -12.06 1.24
C THR A 315 27.58 -12.51 1.35
N GLY A 316 28.42 -11.60 1.82
CA GLY A 316 29.80 -11.93 2.09
C GLY A 316 30.00 -12.68 3.39
N LEU A 317 31.21 -12.66 3.90
CA LEU A 317 31.57 -13.47 5.04
C LEU A 317 32.03 -12.64 6.23
N ARG A 318 32.22 -13.30 7.36
CA ARG A 318 32.60 -12.67 8.61
C ARG A 318 33.91 -11.91 8.44
N ASN A 319 33.84 -10.59 8.62
CA ASN A 319 34.98 -9.70 8.37
C ASN A 319 35.90 -9.61 9.57
N SER A 320 37.20 -9.50 9.29
CA SER A 320 38.23 -9.58 10.32
C SER A 320 38.60 -8.20 10.86
N PRO A 321 38.86 -8.10 12.18
CA PRO A 321 39.40 -6.88 12.77
C PRO A 321 40.90 -6.73 12.49
N GLY B 1 32.82 -20.61 13.65
CA GLY B 1 31.67 -21.16 12.86
C GLY B 1 31.65 -22.67 12.88
N LEU B 2 30.62 -23.26 12.30
CA LEU B 2 30.43 -24.70 12.39
C LEU B 2 31.58 -25.50 11.79
N PHE B 3 32.27 -24.96 10.80
CA PHE B 3 33.26 -25.75 10.05
C PHE B 3 34.70 -25.54 10.49
N GLY B 4 34.89 -24.63 11.45
CA GLY B 4 36.17 -24.49 12.14
C GLY B 4 37.27 -23.73 11.42
N ALA B 5 37.03 -23.29 10.18
CA ALA B 5 38.07 -22.62 9.39
C ALA B 5 38.11 -21.14 9.64
N ILE B 6 37.07 -20.42 9.18
CA ILE B 6 37.00 -18.97 9.30
C ILE B 6 37.00 -18.54 10.79
N ALA B 7 37.93 -17.65 11.14
CA ALA B 7 38.11 -17.28 12.54
C ALA B 7 38.26 -18.51 13.43
N GLY B 8 38.87 -19.54 12.90
CA GLY B 8 39.07 -20.81 13.61
C GLY B 8 40.55 -21.12 13.56
N PHE B 9 40.94 -22.15 12.82
CA PHE B 9 42.35 -22.46 12.65
C PHE B 9 42.99 -21.52 11.63
N ILE B 10 42.16 -20.86 10.81
CA ILE B 10 42.63 -19.71 10.04
C ILE B 10 42.16 -18.47 10.76
N GLU B 11 43.09 -17.80 11.43
CA GLU B 11 42.74 -16.79 12.42
C GLU B 11 42.06 -15.55 11.87
N GLY B 12 42.44 -15.14 10.66
CA GLY B 12 41.87 -13.94 10.06
C GLY B 12 41.89 -13.95 8.56
N GLY B 13 41.10 -13.08 7.96
CA GLY B 13 41.07 -12.91 6.51
C GLY B 13 42.23 -12.06 6.02
N TRP B 14 42.27 -11.81 4.71
CA TRP B 14 43.36 -11.12 4.07
C TRP B 14 42.87 -9.87 3.35
N GLN B 15 43.25 -8.70 3.87
CA GLN B 15 43.01 -7.43 3.18
C GLN B 15 43.61 -7.48 1.76
N GLY B 16 44.70 -8.23 1.60
CA GLY B 16 45.44 -8.28 0.34
C GLY B 16 44.89 -9.14 -0.80
N MET B 17 43.86 -9.93 -0.54
CA MET B 17 43.20 -10.69 -1.60
C MET B 17 41.89 -10.01 -2.01
N VAL B 18 41.93 -9.26 -3.10
CA VAL B 18 40.80 -8.42 -3.52
C VAL B 18 39.99 -9.05 -4.66
N ASP B 19 40.56 -10.02 -5.34
CA ASP B 19 39.93 -10.60 -6.54
C ASP B 19 39.09 -11.86 -6.26
N GLY B 20 38.78 -12.13 -5.00
CA GLY B 20 37.97 -13.31 -4.68
C GLY B 20 37.64 -13.47 -3.21
N TRP B 21 36.75 -14.41 -2.91
CA TRP B 21 36.37 -14.67 -1.52
C TRP B 21 37.33 -15.62 -0.84
N TYR B 22 37.82 -16.60 -1.59
CA TYR B 22 38.74 -17.61 -1.08
C TYR B 22 39.89 -17.78 -2.04
N GLY B 23 41.05 -18.15 -1.51
CA GLY B 23 42.21 -18.36 -2.36
C GLY B 23 43.47 -18.75 -1.62
N TYR B 24 44.60 -18.53 -2.29
CA TYR B 24 45.92 -18.99 -1.82
C TYR B 24 46.86 -17.83 -1.61
N HIS B 25 47.78 -17.99 -0.65
CA HIS B 25 48.94 -17.12 -0.53
C HIS B 25 50.20 -17.95 -0.53
N HIS B 26 51.18 -17.60 -1.37
CA HIS B 26 52.41 -18.39 -1.49
C HIS B 26 53.61 -17.54 -1.14
N SER B 27 54.67 -18.17 -0.63
CA SER B 27 55.95 -17.49 -0.53
C SER B 27 57.15 -18.44 -0.67
N ASN B 28 58.12 -18.02 -1.48
CA ASN B 28 59.29 -18.81 -1.82
C ASN B 28 60.43 -17.86 -2.16
N GLU B 29 61.51 -18.33 -2.78
CA GLU B 29 62.66 -17.47 -3.04
C GLU B 29 62.39 -16.38 -4.06
N GLN B 30 61.48 -16.64 -4.99
CA GLN B 30 61.14 -15.68 -6.05
C GLN B 30 60.22 -14.56 -5.55
N GLY B 31 59.54 -14.78 -4.43
CA GLY B 31 58.64 -13.77 -3.87
C GLY B 31 57.39 -14.35 -3.24
N SER B 32 56.31 -13.56 -3.24
CA SER B 32 55.07 -13.98 -2.59
C SER B 32 53.87 -13.20 -3.07
N GLY B 33 52.68 -13.74 -2.83
CA GLY B 33 51.44 -13.03 -3.18
C GLY B 33 50.17 -13.82 -3.02
N TYR B 34 49.05 -13.19 -3.41
CA TYR B 34 47.72 -13.76 -3.26
C TYR B 34 47.14 -14.17 -4.59
N ALA B 35 46.43 -15.29 -4.62
CA ALA B 35 45.71 -15.72 -5.81
C ALA B 35 44.37 -16.35 -5.44
N ALA B 36 43.29 -15.74 -5.94
CA ALA B 36 41.95 -16.21 -5.68
C ALA B 36 41.68 -17.54 -6.38
N ASP B 37 40.96 -18.43 -5.71
CA ASP B 37 40.45 -19.66 -6.31
C ASP B 37 39.08 -19.35 -6.95
N LYS B 38 39.07 -19.33 -8.28
CA LYS B 38 37.91 -18.86 -9.04
C LYS B 38 36.71 -19.80 -8.96
N GLU B 39 36.96 -21.11 -8.99
CA GLU B 39 35.88 -22.10 -8.95
C GLU B 39 35.04 -22.02 -7.67
N SER B 40 35.70 -22.07 -6.52
CA SER B 40 34.98 -22.04 -5.26
C SER B 40 34.34 -20.66 -5.03
N THR B 41 35.05 -19.60 -5.43
CA THR B 41 34.49 -18.25 -5.38
C THR B 41 33.19 -18.15 -6.19
N GLN B 42 33.21 -18.66 -7.42
CA GLN B 42 32.04 -18.56 -8.30
C GLN B 42 30.88 -19.41 -7.81
N LYS B 43 31.17 -20.60 -7.27
CA LYS B 43 30.13 -21.40 -6.62
C LYS B 43 29.49 -20.62 -5.49
N ALA B 44 30.28 -19.86 -4.75
CA ALA B 44 29.75 -19.09 -3.64
C ALA B 44 28.86 -17.98 -4.14
N ILE B 45 29.28 -17.27 -5.17
CA ILE B 45 28.48 -16.19 -5.73
C ILE B 45 27.13 -16.71 -6.23
N ASP B 46 27.12 -17.88 -6.85
CA ASP B 46 25.88 -18.46 -7.37
C ASP B 46 24.92 -18.89 -6.25
N GLY B 47 25.45 -19.52 -5.21
CA GLY B 47 24.63 -19.95 -4.08
C GLY B 47 23.94 -18.79 -3.40
N VAL B 48 24.71 -17.76 -3.08
CA VAL B 48 24.21 -16.59 -2.37
C VAL B 48 23.22 -15.79 -3.22
N THR B 49 23.50 -15.66 -4.51
CA THR B 49 22.62 -14.94 -5.42
C THR B 49 21.27 -15.64 -5.54
N ASN B 50 21.30 -16.95 -5.73
CA ASN B 50 20.05 -17.73 -5.75
C ASN B 50 19.28 -17.59 -4.45
N LYS B 51 19.98 -17.63 -3.33
CA LYS B 51 19.37 -17.50 -2.02
C LYS B 51 18.60 -16.19 -1.91
N VAL B 52 19.26 -15.09 -2.25
CA VAL B 52 18.62 -13.80 -2.15
C VAL B 52 17.34 -13.77 -3.01
N ASN B 53 17.46 -14.21 -4.26
CA ASN B 53 16.30 -14.23 -5.16
C ASN B 53 15.21 -15.18 -4.66
N SER B 54 15.61 -16.27 -4.03
CA SER B 54 14.63 -17.19 -3.45
C SER B 54 13.87 -16.53 -2.31
N ILE B 55 14.61 -15.83 -1.45
CA ILE B 55 14.01 -15.09 -0.33
C ILE B 55 13.06 -14.01 -0.84
N ILE B 56 13.50 -13.22 -1.81
CA ILE B 56 12.65 -12.19 -2.40
C ILE B 56 11.35 -12.78 -2.94
N ASP B 57 11.47 -13.85 -3.75
CA ASP B 57 10.31 -14.38 -4.48
C ASP B 57 9.33 -15.15 -3.61
N LYS B 58 9.80 -15.73 -2.51
CA LYS B 58 8.90 -16.41 -1.58
C LYS B 58 8.01 -15.41 -0.83
N MET B 59 8.53 -14.21 -0.59
CA MET B 59 7.77 -13.14 0.04
C MET B 59 7.01 -12.29 -0.99
N ASN B 60 6.95 -12.79 -2.23
CA ASN B 60 6.28 -12.09 -3.34
C ASN B 60 4.77 -12.04 -3.15
N THR B 61 4.16 -13.21 -2.98
CA THR B 61 2.75 -13.30 -2.64
C THR B 61 2.68 -13.15 -1.13
N GLN B 62 2.02 -12.10 -0.68
CA GLN B 62 1.93 -11.78 0.74
C GLN B 62 0.76 -10.79 0.97
N PHE B 63 0.21 -10.81 2.17
CA PHE B 63 -0.99 -10.03 2.50
C PHE B 63 -0.91 -8.55 2.12
N GLU B 64 -2.03 -8.01 1.64
CA GLU B 64 -2.15 -6.59 1.31
C GLU B 64 -3.38 -6.00 2.00
N ALA B 65 -3.19 -4.91 2.71
CA ALA B 65 -4.29 -4.24 3.41
C ALA B 65 -5.13 -3.39 2.46
N VAL B 66 -6.43 -3.30 2.75
CA VAL B 66 -7.35 -2.46 1.99
C VAL B 66 -8.14 -1.57 2.95
N GLY B 67 -8.44 -0.35 2.52
CA GLY B 67 -9.25 0.58 3.32
C GLY B 67 -10.71 0.17 3.36
N ARG B 68 -11.26 0.09 4.58
CA ARG B 68 -12.67 -0.24 4.78
C ARG B 68 -13.20 0.57 5.95
N GLU B 69 -14.35 1.20 5.75
CA GLU B 69 -14.91 2.11 6.76
C GLU B 69 -16.20 1.57 7.32
N PHE B 70 -16.46 1.93 8.57
CA PHE B 70 -17.61 1.43 9.33
C PHE B 70 -18.21 2.54 10.18
N ASN B 71 -19.54 2.52 10.35
CA ASN B 71 -20.19 3.57 11.12
C ASN B 71 -20.13 3.30 12.62
N ASN B 72 -20.77 4.16 13.40
CA ASN B 72 -20.63 4.13 14.86
C ASN B 72 -21.29 2.93 15.55
N LEU B 73 -22.21 2.25 14.87
CA LEU B 73 -22.82 1.02 15.40
C LEU B 73 -22.39 -0.22 14.60
N GLU B 74 -21.18 -0.17 14.05
CA GLU B 74 -20.53 -1.33 13.46
C GLU B 74 -19.16 -1.50 14.10
N ARG B 75 -19.09 -1.23 15.40
CA ARG B 75 -17.84 -1.23 16.14
C ARG B 75 -17.22 -2.62 16.21
N ARG B 76 -18.04 -3.64 16.33
CA ARG B 76 -17.55 -5.01 16.41
C ARG B 76 -16.81 -5.43 15.13
N ILE B 77 -17.47 -5.30 13.97
CA ILE B 77 -16.84 -5.67 12.71
C ILE B 77 -15.66 -4.75 12.34
N GLU B 78 -15.73 -3.49 12.72
CA GLU B 78 -14.60 -2.61 12.53
C GLU B 78 -13.39 -3.18 13.26
N ASN B 79 -13.62 -3.66 14.48
CA ASN B 79 -12.54 -4.17 15.32
C ASN B 79 -12.04 -5.49 14.76
N LEU B 80 -12.97 -6.32 14.27
CA LEU B 80 -12.63 -7.58 13.64
C LEU B 80 -11.70 -7.31 12.48
N ASN B 81 -12.08 -6.35 11.65
CA ASN B 81 -11.29 -5.92 10.49
C ASN B 81 -9.89 -5.47 10.88
N LYS B 82 -9.79 -4.76 12.01
CA LYS B 82 -8.53 -4.24 12.47
C LYS B 82 -7.65 -5.38 12.95
N LYS B 83 -8.21 -6.28 13.75
CA LYS B 83 -7.46 -7.44 14.26
C LYS B 83 -7.01 -8.37 13.14
N MET B 84 -7.83 -8.51 12.11
CA MET B 84 -7.47 -9.29 10.93
C MET B 84 -6.30 -8.65 10.19
N GLU B 85 -6.40 -7.36 9.86
CA GLU B 85 -5.35 -6.69 9.11
C GLU B 85 -4.04 -6.73 9.89
N ASP B 86 -4.11 -6.40 11.18
CA ASP B 86 -2.95 -6.43 12.07
C ASP B 86 -2.35 -7.81 12.25
N GLY B 87 -3.21 -8.81 12.43
CA GLY B 87 -2.77 -10.18 12.59
C GLY B 87 -1.87 -10.65 11.47
N PHE B 88 -2.29 -10.37 10.22
CA PHE B 88 -1.51 -10.81 9.07
C PHE B 88 -0.18 -10.06 8.97
N LEU B 89 -0.19 -8.74 9.23
CA LEU B 89 1.06 -7.97 9.26
C LEU B 89 2.08 -8.58 10.23
N ASP B 90 1.64 -8.94 11.43
CA ASP B 90 2.52 -9.54 12.41
C ASP B 90 3.06 -10.89 11.95
N VAL B 91 2.21 -11.66 11.29
CA VAL B 91 2.63 -12.95 10.74
C VAL B 91 3.72 -12.76 9.69
N TRP B 92 3.52 -11.84 8.76
CA TRP B 92 4.49 -11.63 7.71
C TRP B 92 5.76 -10.93 8.20
N THR B 93 5.64 -10.07 9.20
CA THR B 93 6.80 -9.45 9.80
C THR B 93 7.65 -10.55 10.43
N TYR B 94 7.01 -11.48 11.14
CA TYR B 94 7.69 -12.58 11.81
C TYR B 94 8.41 -13.44 10.77
N ASN B 95 7.67 -13.86 9.76
CA ASN B 95 8.24 -14.65 8.67
C ASN B 95 9.49 -14.00 8.09
N ALA B 96 9.40 -12.72 7.77
CA ALA B 96 10.53 -12.00 7.15
C ALA B 96 11.76 -11.93 8.06
N GLU B 97 11.55 -11.56 9.31
CA GLU B 97 12.69 -11.37 10.23
C GLU B 97 13.36 -12.69 10.56
N LEU B 98 12.57 -13.73 10.77
CA LEU B 98 13.09 -15.04 11.10
C LEU B 98 13.85 -15.62 9.92
N LEU B 99 13.31 -15.48 8.72
CA LEU B 99 13.98 -15.98 7.53
C LEU B 99 15.37 -15.38 7.39
N VAL B 100 15.46 -14.06 7.60
CA VAL B 100 16.72 -13.36 7.50
C VAL B 100 17.73 -13.82 8.55
N LEU B 101 17.29 -13.91 9.81
CA LEU B 101 18.10 -14.50 10.88
C LEU B 101 18.62 -15.91 10.53
N MET B 102 17.71 -16.80 10.16
CA MET B 102 18.08 -18.17 9.87
C MET B 102 19.03 -18.26 8.68
N GLU B 103 18.70 -17.58 7.59
CA GLU B 103 19.52 -17.69 6.38
C GLU B 103 20.86 -16.95 6.50
N ASN B 104 20.91 -15.87 7.27
CA ASN B 104 22.18 -15.24 7.58
C ASN B 104 23.13 -16.21 8.28
N GLU B 105 22.65 -16.92 9.29
CA GLU B 105 23.46 -17.90 9.96
C GLU B 105 23.95 -18.94 8.95
N ARG B 106 23.06 -19.38 8.08
CA ARG B 106 23.45 -20.38 7.10
C ARG B 106 24.47 -19.84 6.09
N THR B 107 24.35 -18.56 5.72
CA THR B 107 25.26 -17.96 4.75
C THR B 107 26.67 -17.88 5.31
N LEU B 108 26.82 -17.47 6.57
CA LEU B 108 28.14 -17.41 7.18
C LEU B 108 28.79 -18.80 7.27
N ASP B 109 28.03 -19.79 7.73
CA ASP B 109 28.49 -21.17 7.75
C ASP B 109 28.89 -21.70 6.35
N PHE B 110 28.15 -21.33 5.31
CA PHE B 110 28.42 -21.75 3.93
C PHE B 110 29.84 -21.32 3.52
N HIS B 111 30.17 -20.05 3.80
CA HIS B 111 31.51 -19.52 3.54
C HIS B 111 32.59 -20.30 4.33
N ASP B 112 32.32 -20.60 5.59
CA ASP B 112 33.22 -21.36 6.44
C ASP B 112 33.45 -22.74 5.80
N SER B 113 32.37 -23.38 5.37
CA SER B 113 32.43 -24.67 4.69
C SER B 113 33.29 -24.62 3.42
N ASN B 114 33.09 -23.60 2.59
CA ASN B 114 33.86 -23.50 1.37
C ASN B 114 35.35 -23.34 1.66
N VAL B 115 35.69 -22.63 2.74
CA VAL B 115 37.10 -22.43 3.08
C VAL B 115 37.72 -23.75 3.56
N LYS B 116 37.02 -24.46 4.44
CA LYS B 116 37.50 -25.75 4.91
C LYS B 116 37.69 -26.75 3.78
N ASN B 117 36.74 -26.78 2.86
CA ASN B 117 36.81 -27.72 1.75
C ASN B 117 37.98 -27.43 0.82
N LEU B 118 38.26 -26.15 0.62
CA LEU B 118 39.41 -25.75 -0.18
C LEU B 118 40.70 -26.15 0.53
N TYR B 119 40.76 -25.91 1.84
CA TYR B 119 41.91 -26.35 2.63
C TYR B 119 42.11 -27.86 2.56
N ASP B 120 41.04 -28.65 2.63
CA ASP B 120 41.17 -30.10 2.56
C ASP B 120 41.60 -30.57 1.17
N LYS B 121 41.05 -29.95 0.14
CA LYS B 121 41.45 -30.23 -1.24
C LYS B 121 42.96 -30.15 -1.42
N VAL B 122 43.58 -29.10 -0.89
CA VAL B 122 45.02 -28.93 -0.96
C VAL B 122 45.74 -29.93 -0.06
N ARG B 123 45.25 -30.11 1.16
CA ARG B 123 45.83 -31.10 2.07
C ARG B 123 45.92 -32.48 1.43
N LEU B 124 44.85 -32.91 0.76
CA LEU B 124 44.78 -34.25 0.16
C LEU B 124 45.68 -34.43 -1.06
N GLN B 125 46.11 -33.32 -1.67
CA GLN B 125 47.10 -33.34 -2.74
C GLN B 125 48.50 -33.43 -2.18
N LEU B 126 48.83 -32.51 -1.28
CA LEU B 126 50.16 -32.47 -0.73
C LEU B 126 50.48 -33.73 0.06
N ARG B 127 49.52 -34.22 0.85
CA ARG B 127 49.74 -35.42 1.66
C ARG B 127 51.02 -35.25 2.51
N ASP B 128 51.96 -36.19 2.46
CA ASP B 128 53.14 -36.12 3.32
C ASP B 128 54.36 -35.42 2.66
N ASN B 129 54.15 -34.74 1.54
CA ASN B 129 55.19 -33.91 0.91
C ASN B 129 55.32 -32.49 1.50
N ALA B 130 54.56 -32.20 2.56
CA ALA B 130 54.56 -30.87 3.20
C ALA B 130 54.18 -30.99 4.67
N LYS B 131 54.64 -30.05 5.49
CA LYS B 131 54.23 -29.99 6.90
C LYS B 131 52.95 -29.17 7.06
N GLU B 132 51.96 -29.76 7.72
CA GLU B 132 50.73 -29.06 8.04
C GLU B 132 50.97 -28.21 9.29
N LEU B 133 51.14 -26.90 9.08
CA LEU B 133 51.55 -26.01 10.18
C LEU B 133 50.48 -25.79 11.24
N GLY B 134 49.21 -25.94 10.88
CA GLY B 134 48.10 -25.81 11.82
C GLY B 134 47.38 -24.45 11.80
N ASN B 135 47.73 -23.60 10.85
CA ASN B 135 47.17 -22.25 10.76
C ASN B 135 46.66 -21.92 9.36
N GLY B 136 46.51 -22.95 8.52
CA GLY B 136 46.09 -22.76 7.14
C GLY B 136 47.23 -22.91 6.14
N CYS B 137 48.45 -23.03 6.64
CA CYS B 137 49.62 -23.10 5.78
C CYS B 137 50.28 -24.47 5.76
N PHE B 138 50.92 -24.74 4.63
CA PHE B 138 51.68 -25.95 4.41
C PHE B 138 53.09 -25.54 4.03
N GLU B 139 54.07 -25.99 4.80
CA GLU B 139 55.46 -25.74 4.52
C GLU B 139 56.04 -26.95 3.79
N PHE B 140 56.62 -26.71 2.60
CA PHE B 140 57.11 -27.77 1.73
C PHE B 140 58.45 -28.34 2.16
N TYR B 141 58.65 -29.63 1.90
CA TYR B 141 59.95 -30.27 2.15
C TYR B 141 60.95 -29.98 1.05
N HIS B 142 60.44 -29.68 -0.13
CA HIS B 142 61.26 -29.37 -1.29
C HIS B 142 61.06 -27.91 -1.66
N LYS B 143 61.99 -27.34 -2.42
CA LYS B 143 61.76 -25.99 -2.93
C LYS B 143 60.59 -26.07 -3.91
N CYS B 144 59.67 -25.11 -3.79
CA CYS B 144 58.47 -25.07 -4.62
C CYS B 144 58.43 -23.70 -5.31
N ASP B 145 58.84 -23.67 -6.59
CA ASP B 145 58.86 -22.42 -7.37
C ASP B 145 57.45 -22.07 -7.85
N ASN B 146 57.31 -21.00 -8.62
CA ASN B 146 55.98 -20.53 -9.03
C ASN B 146 55.22 -21.55 -9.87
N GLU B 147 55.91 -22.27 -10.74
CA GLU B 147 55.31 -23.37 -11.48
C GLU B 147 54.77 -24.46 -10.55
N CYS B 148 55.55 -24.78 -9.52
CA CYS B 148 55.16 -25.75 -8.51
C CYS B 148 53.92 -25.24 -7.76
N MET B 149 53.96 -23.97 -7.33
CA MET B 149 52.81 -23.36 -6.66
C MET B 149 51.56 -23.41 -7.52
N GLU B 150 51.71 -23.04 -8.79
CA GLU B 150 50.58 -23.04 -9.72
C GLU B 150 49.93 -24.42 -9.82
N SER B 151 50.74 -25.47 -9.78
CA SER B 151 50.22 -26.85 -9.87
C SER B 151 49.42 -27.25 -8.63
N VAL B 152 49.74 -26.66 -7.49
CA VAL B 152 48.95 -26.87 -6.28
C VAL B 152 47.58 -26.21 -6.47
N ARG B 153 47.56 -25.02 -7.03
CA ARG B 153 46.30 -24.34 -7.35
C ARG B 153 45.54 -25.03 -8.49
N ASN B 154 46.28 -25.63 -9.43
CA ASN B 154 45.70 -26.40 -10.54
C ASN B 154 44.81 -27.54 -10.11
N GLY B 155 45.27 -28.29 -9.10
CA GLY B 155 44.80 -29.63 -8.83
C GLY B 155 45.78 -30.64 -9.40
N THR B 156 46.92 -30.16 -9.89
CA THR B 156 47.86 -30.95 -10.68
C THR B 156 49.11 -31.34 -9.92
N TYR B 157 49.28 -30.86 -8.69
CA TYR B 157 50.52 -31.09 -7.95
C TYR B 157 50.93 -32.55 -8.00
N ASP B 158 51.98 -32.83 -8.77
CA ASP B 158 52.42 -34.19 -9.02
C ASP B 158 53.16 -34.75 -7.80
N TYR B 159 52.41 -35.46 -6.97
CA TYR B 159 52.91 -35.94 -5.69
C TYR B 159 54.14 -36.86 -5.83
N PRO B 160 54.06 -37.91 -6.68
CA PRO B 160 55.24 -38.78 -6.86
C PRO B 160 56.51 -38.07 -7.39
N GLN B 161 56.36 -36.92 -8.02
CA GLN B 161 57.50 -36.14 -8.51
C GLN B 161 58.35 -35.59 -7.35
N TYR B 162 57.70 -35.31 -6.22
CA TYR B 162 58.40 -34.84 -5.04
C TYR B 162 58.16 -35.79 -3.87
#